data_2YK7
#
_entry.id   2YK7
#
_cell.length_a   42.762
_cell.length_b   101.413
_cell.length_c   166.570
_cell.angle_alpha   90.00
_cell.angle_beta   90.00
_cell.angle_gamma   90.00
#
_symmetry.space_group_name_H-M   'C 2 2 21'
#
loop_
_entity.id
_entity.type
_entity.pdbx_description
1 polymer CMP-N-ACETYLNEURAMINATE-BETA-GALACTOSAMIDE-ALPHA-2,3-SIALYLTRANSFERASE
2 non-polymer "CYTIDINE-5'-MONOPHOSPHATE-3-FLUORO-N-ACETYL-NEURAMINIC ACID"
3 non-polymer 'PENTAETHYLENE GLYCOL'
4 non-polymer 1,2-ETHANEDIOL
5 water water
#
_entity_poly.entity_id   1
_entity_poly.type   'polypeptide(L)'
_entity_poly.pdbx_seq_one_letter_code
;PVNLIFCYTILQMKVAERIMAQHPGERFYVVLMSENNNEKYDYYFNQIKDKAEWAYFFHLPYGLNKSFNFIPTMAELKVK
AMLLPKVKRIYLASLEKVSIAAFLSTYPDAEIKTFDDGTINLIQSSSYLGDEFSVNGTIKRNFARMMIGDWSIAKTRNAS
DEHYTIFKGLKNIMDDGRRKMTYLPLFDASELKAGDETGGTVRILLGSPDKEMKEISEKAAKNFNIQYVAPHPRQTYGLS
GVTTLNSPYVIEDYILREIKKNPHTRYEIYTFFSGAALTMKDFPNVHVYALKPASLPEDYWLKPVYALFTQSGIPILTFD
DKLVPR
;
_entity_poly.pdbx_strand_id   A
#
loop_
_chem_comp.id
_chem_comp.type
_chem_comp.name
_chem_comp.formula
1PE non-polymer 'PENTAETHYLENE GLYCOL' 'C10 H22 O6'
CSF RNA linking 'CYTIDINE-5'-MONOPHOSPHATE-3-FLUORO-N-ACETYL-NEURAMINIC ACID' 'C20 H30 F N4 O16 P'
EDO non-polymer 1,2-ETHANEDIOL 'C2 H6 O2'
#
# COMPACT_ATOMS: atom_id res chain seq x y z
N PRO A 1 11.18 21.76 14.44
CA PRO A 1 11.08 20.66 15.46
C PRO A 1 9.71 20.74 16.12
N VAL A 2 8.85 19.77 15.83
CA VAL A 2 7.45 19.85 16.24
C VAL A 2 7.14 19.11 17.54
N ASN A 3 6.04 19.55 18.18
CA ASN A 3 5.40 18.83 19.28
C ASN A 3 4.10 18.21 18.76
N LEU A 4 3.78 16.97 19.16
CA LEU A 4 2.48 16.41 18.77
C LEU A 4 1.62 16.37 20.01
N ILE A 5 0.32 16.62 19.86
CA ILE A 5 -0.65 16.38 20.95
C ILE A 5 -1.75 15.48 20.41
N PHE A 6 -2.03 14.36 21.11
CA PHE A 6 -3.14 13.49 20.75
C PHE A 6 -4.28 13.52 21.76
N CYS A 7 -5.50 13.71 21.29
CA CYS A 7 -6.63 14.00 22.16
C CYS A 7 -7.75 13.13 21.69
N TYR A 8 -8.59 12.68 22.60
CA TYR A 8 -9.82 12.04 22.16
C TYR A 8 -11.08 12.52 22.83
N THR A 9 -11.01 13.63 23.56
CA THR A 9 -12.20 14.25 24.18
C THR A 9 -12.11 15.76 24.14
N ILE A 10 -13.23 16.41 24.35
CA ILE A 10 -13.23 17.88 24.40
C ILE A 10 -12.29 18.41 25.47
N LEU A 11 -12.41 17.88 26.70
CA LEU A 11 -11.61 18.41 27.82
C LEU A 11 -10.15 18.19 27.58
N GLN A 12 -9.83 17.06 26.91
CA GLN A 12 -8.42 16.84 26.52
C GLN A 12 -7.98 17.94 25.52
N MET A 13 -8.89 18.41 24.67
CA MET A 13 -8.57 19.56 23.81
C MET A 13 -8.26 20.87 24.58
N LYS A 14 -9.07 21.17 25.62
CA LYS A 14 -8.73 22.26 26.55
C LYS A 14 -7.35 22.06 27.20
N VAL A 15 -7.10 20.85 27.73
CA VAL A 15 -5.79 20.57 28.28
C VAL A 15 -4.71 20.84 27.28
N ALA A 16 -4.97 20.44 26.04
CA ALA A 16 -4.01 20.62 24.96
C ALA A 16 -3.72 22.09 24.75
N GLU A 17 -4.79 22.89 24.81
CA GLU A 17 -4.68 24.36 24.80
C GLU A 17 -3.83 24.87 25.94
N ARG A 18 -4.01 24.32 27.16
CA ARG A 18 -3.17 24.83 28.29
C ARG A 18 -1.70 24.59 28.09
N ILE A 19 -1.39 23.41 27.55
CA ILE A 19 -0.03 23.01 27.28
C ILE A 19 0.60 23.92 26.21
N MET A 20 -0.20 24.21 25.18
CA MET A 20 0.24 25.07 24.10
C MET A 20 0.52 26.45 24.68
N ALA A 21 -0.40 26.93 25.52
CA ALA A 21 -0.21 28.24 26.17
C ALA A 21 1.14 28.33 26.89
N GLN A 22 1.49 27.30 27.67
CA GLN A 22 2.79 27.25 28.36
C GLN A 22 4.01 27.10 27.43
N HIS A 23 3.81 26.85 26.14
CA HIS A 23 4.92 26.78 25.18
C HIS A 23 4.77 27.74 24.00
N PRO A 24 4.59 29.05 24.30
CA PRO A 24 4.16 30.02 23.29
C PRO A 24 5.14 30.08 22.13
N GLY A 25 4.61 30.05 20.90
CA GLY A 25 5.40 30.21 19.69
C GLY A 25 6.09 28.95 19.19
N GLU A 26 5.97 27.86 19.94
CA GLU A 26 6.52 26.59 19.49
C GLU A 26 5.55 25.94 18.51
N ARG A 27 6.01 24.93 17.78
CA ARG A 27 5.18 24.37 16.71
C ARG A 27 4.43 23.13 17.21
N PHE A 28 3.11 23.10 16.96
CA PHE A 28 2.27 22.04 17.47
C PHE A 28 1.40 21.43 16.41
N TYR A 29 1.40 20.10 16.37
CA TYR A 29 0.51 19.37 15.48
C TYR A 29 -0.48 18.66 16.35
N VAL A 30 -1.75 19.04 16.25
CA VAL A 30 -2.75 18.46 17.14
C VAL A 30 -3.67 17.47 16.47
N VAL A 31 -3.84 16.30 17.09
CA VAL A 31 -4.71 15.31 16.54
C VAL A 31 -5.90 14.98 17.46
N LEU A 32 -7.09 15.09 16.92
CA LEU A 32 -8.30 14.70 17.62
C LEU A 32 -8.83 13.42 16.99
N MET A 33 -9.03 12.41 17.82
CA MET A 33 -9.58 11.15 17.35
C MET A 33 -10.83 10.90 18.13
N SER A 34 -12.01 10.95 17.50
CA SER A 34 -13.24 10.58 18.20
C SER A 34 -14.29 9.76 17.42
N GLU A 35 -15.08 8.95 18.13
CA GLU A 35 -16.22 8.29 17.49
C GLU A 35 -17.46 9.17 17.43
N ASN A 36 -17.53 10.21 18.26
CA ASN A 36 -18.68 11.10 18.31
C ASN A 36 -18.44 12.39 17.52
N ASN A 37 -19.36 12.70 16.63
CA ASN A 37 -19.34 13.99 15.96
C ASN A 37 -20.62 14.69 16.34
N ASN A 38 -20.48 15.90 16.87
CA ASN A 38 -21.64 16.72 17.23
C ASN A 38 -21.17 18.15 17.25
N GLU A 39 -22.11 19.07 17.44
CA GLU A 39 -21.82 20.50 17.35
C GLU A 39 -20.60 20.84 18.23
N LYS A 40 -20.58 20.34 19.47
CA LYS A 40 -19.56 20.74 20.47
C LYS A 40 -18.14 20.28 20.12
N TYR A 41 -18.01 19.06 19.60
CA TYR A 41 -16.72 18.55 19.15
C TYR A 41 -16.13 19.40 18.02
N ASP A 42 -16.95 19.75 17.04
CA ASP A 42 -16.52 20.57 15.90
C ASP A 42 -16.15 21.96 16.35
N TYR A 43 -16.97 22.54 17.24
CA TYR A 43 -16.70 23.86 17.78
C TYR A 43 -15.34 23.81 18.45
N TYR A 44 -15.11 22.79 19.28
CA TYR A 44 -13.85 22.76 20.04
C TYR A 44 -12.66 22.36 19.19
N PHE A 45 -12.90 21.50 18.19
CA PHE A 45 -11.80 21.20 17.26
C PHE A 45 -11.43 22.46 16.47
N ASN A 46 -12.42 23.23 16.04
CA ASN A 46 -12.12 24.43 15.24
C ASN A 46 -11.27 25.33 16.07
N GLN A 47 -11.65 25.48 17.35
CA GLN A 47 -10.92 26.33 18.28
C GLN A 47 -9.44 25.97 18.42
N ILE A 48 -9.12 24.69 18.58
CA ILE A 48 -7.74 24.31 18.75
C ILE A 48 -7.02 24.37 17.38
N LYS A 49 -7.78 24.14 16.30
CA LYS A 49 -7.23 24.28 14.94
C LYS A 49 -6.76 25.71 14.63
N ASP A 50 -7.51 26.73 15.07
CA ASP A 50 -7.01 28.14 15.03
C ASP A 50 -5.73 28.37 15.84
N LYS A 51 -5.45 27.52 16.85
CA LYS A 51 -4.26 27.76 17.70
C LYS A 51 -3.00 26.97 17.35
N ALA A 52 -3.13 25.88 16.61
CA ALA A 52 -1.98 25.04 16.29
C ALA A 52 -1.51 25.24 14.85
N GLU A 53 -0.24 24.92 14.58
CA GLU A 53 0.29 24.99 13.22
C GLU A 53 -0.50 24.09 12.26
N TRP A 54 -0.83 22.89 12.73
CA TRP A 54 -1.52 21.86 11.96
C TRP A 54 -2.43 21.09 12.92
N ALA A 55 -3.67 20.83 12.52
CA ALA A 55 -4.53 19.95 13.31
C ALA A 55 -5.34 19.05 12.38
N TYR A 56 -5.69 17.85 12.85
CA TYR A 56 -6.51 16.92 12.09
C TYR A 56 -7.56 16.22 12.99
N PHE A 57 -8.78 16.06 12.47
CA PHE A 57 -9.86 15.39 13.16
C PHE A 57 -10.08 14.03 12.49
N PHE A 58 -9.47 12.97 13.03
CA PHE A 58 -9.72 11.60 12.59
C PHE A 58 -11.10 11.17 13.11
N HIS A 59 -11.99 10.81 12.20
CA HIS A 59 -13.31 10.34 12.58
C HIS A 59 -13.30 8.83 12.65
N LEU A 60 -13.81 8.30 13.76
CA LEU A 60 -13.86 6.86 13.96
C LEU A 60 -15.32 6.41 14.08
N PRO A 61 -15.57 5.11 13.93
CA PRO A 61 -16.91 4.49 14.09
C PRO A 61 -17.43 4.31 15.54
N TYR A 62 -18.75 4.27 15.73
CA TYR A 62 -19.34 4.16 17.07
C TYR A 62 -19.14 2.77 17.67
N GLY A 63 -18.39 2.72 18.79
CA GLY A 63 -18.09 1.48 19.47
C GLY A 63 -16.63 1.06 19.41
N LEU A 64 -15.86 1.67 18.51
CA LEU A 64 -14.45 1.33 18.37
C LEU A 64 -13.73 1.10 19.73
N ASN A 65 -13.80 2.11 20.61
CA ASN A 65 -13.11 2.08 21.93
C ASN A 65 -13.77 1.11 22.88
N LYS A 66 -13.07 0.01 23.21
CA LYS A 66 -13.45 -0.87 24.34
C LYS A 66 -13.16 -0.22 25.73
N SER A 67 -12.32 0.81 25.72
CA SER A 67 -11.84 1.48 26.95
C SER A 67 -12.76 2.68 27.34
N PHE A 68 -12.47 3.33 28.46
CA PHE A 68 -13.31 4.46 28.96
C PHE A 68 -12.38 5.51 29.50
N ASN A 69 -12.66 6.77 29.19
CA ASN A 69 -11.93 7.90 29.75
C ASN A 69 -12.62 8.42 31.02
N PHE A 70 -13.85 7.96 31.24
CA PHE A 70 -14.68 8.37 32.35
C PHE A 70 -15.02 7.10 33.13
N ILE A 71 -15.61 7.28 34.29
CA ILE A 71 -15.98 6.15 35.10
C ILE A 71 -17.41 5.77 34.70
N PRO A 72 -17.56 4.60 34.07
CA PRO A 72 -18.85 4.25 33.52
C PRO A 72 -19.84 3.83 34.59
N THR A 73 -21.12 4.05 34.31
CA THR A 73 -22.19 3.49 35.13
C THR A 73 -22.33 2.04 34.74
N MET A 74 -23.06 1.28 35.56
CA MET A 74 -23.31 -0.12 35.30
C MET A 74 -24.02 -0.28 33.95
N ALA A 75 -25.01 0.57 33.71
CA ALA A 75 -25.70 0.60 32.41
C ALA A 75 -24.72 0.82 31.26
N GLU A 76 -23.77 1.75 31.40
CA GLU A 76 -22.86 1.98 30.30
C GLU A 76 -21.96 0.76 30.07
N LEU A 77 -21.54 0.11 31.15
CA LEU A 77 -20.86 -1.15 31.03
C LEU A 77 -21.70 -2.18 30.29
N LYS A 78 -22.97 -2.32 30.62
CA LYS A 78 -23.81 -3.35 29.94
C LYS A 78 -23.87 -3.06 28.43
N VAL A 79 -24.24 -1.83 28.08
CA VAL A 79 -24.33 -1.40 26.68
C VAL A 79 -23.04 -1.74 25.92
N LYS A 80 -21.89 -1.33 26.47
CA LYS A 80 -20.61 -1.61 25.82
C LYS A 80 -20.32 -3.11 25.59
N ALA A 81 -20.57 -3.95 26.59
CA ALA A 81 -20.32 -5.38 26.42
C ALA A 81 -21.25 -5.96 25.35
N MET A 82 -22.56 -5.75 25.50
CA MET A 82 -23.49 -6.36 24.54
C MET A 82 -23.47 -5.73 23.14
N LEU A 83 -22.61 -4.75 22.92
CA LEU A 83 -22.42 -4.19 21.58
C LEU A 83 -21.18 -4.75 20.91
N LEU A 84 -20.11 -4.94 21.67
CA LEU A 84 -18.85 -5.35 21.06
C LEU A 84 -19.05 -6.60 20.19
N PRO A 85 -18.52 -6.56 18.96
CA PRO A 85 -18.53 -7.75 18.10
C PRO A 85 -17.87 -8.93 18.81
N LYS A 86 -18.42 -10.13 18.60
CA LYS A 86 -17.72 -11.37 18.92
C LYS A 86 -16.90 -11.75 17.65
N VAL A 87 -15.60 -11.50 17.68
CA VAL A 87 -14.73 -11.63 16.50
C VAL A 87 -14.09 -13.03 16.45
N LYS A 88 -14.35 -13.83 15.42
CA LYS A 88 -13.59 -15.10 15.33
C LYS A 88 -12.26 -15.04 14.55
N ARG A 89 -12.20 -14.15 13.55
CA ARG A 89 -11.04 -14.12 12.66
C ARG A 89 -10.70 -12.68 12.24
N ILE A 90 -9.42 -12.34 12.27
CA ILE A 90 -8.90 -11.10 11.72
C ILE A 90 -7.96 -11.41 10.55
N TYR A 91 -8.24 -10.79 9.39
CA TYR A 91 -7.35 -10.84 8.22
C TYR A 91 -6.81 -9.45 8.06
N LEU A 92 -5.53 -9.34 7.82
CA LEU A 92 -4.89 -8.06 7.70
C LEU A 92 -3.56 -8.24 6.95
N ALA A 93 -3.04 -7.15 6.41
CA ALA A 93 -1.77 -7.18 5.67
C ALA A 93 -0.71 -7.47 6.70
N SER A 94 0.29 -8.26 6.32
CA SER A 94 1.39 -8.63 7.20
C SER A 94 1.92 -7.45 8.02
N LEU A 95 2.14 -6.30 7.42
CA LEU A 95 2.75 -5.18 8.18
C LEU A 95 1.71 -4.48 9.09
N GLU A 96 0.43 -4.76 8.87
CA GLU A 96 -0.60 -4.23 9.74
C GLU A 96 -0.55 -4.94 11.09
N LYS A 97 0.16 -6.05 11.16
CA LYS A 97 0.42 -6.67 12.47
C LYS A 97 1.19 -5.70 13.39
N VAL A 98 1.92 -4.78 12.76
CA VAL A 98 2.74 -3.83 13.49
C VAL A 98 1.87 -2.60 13.81
N SER A 99 1.24 -2.04 12.78
CA SER A 99 0.57 -0.75 12.92
C SER A 99 -0.73 -0.86 13.68
N ILE A 100 -1.36 -2.04 13.64
CA ILE A 100 -2.58 -2.23 14.43
C ILE A 100 -2.42 -3.28 15.56
N ALA A 101 -1.19 -3.50 16.00
CA ALA A 101 -0.87 -4.43 17.08
C ALA A 101 -1.75 -4.13 18.28
N ALA A 102 -1.88 -2.86 18.63
CA ALA A 102 -2.65 -2.49 19.84
C ALA A 102 -4.08 -3.07 19.76
N PHE A 103 -4.68 -3.05 18.57
CA PHE A 103 -6.05 -3.58 18.42
C PHE A 103 -6.09 -5.10 18.48
N LEU A 104 -5.09 -5.75 17.88
CA LEU A 104 -5.03 -7.22 17.93
C LEU A 104 -5.06 -7.69 19.37
N SER A 105 -4.43 -6.93 20.25
CA SER A 105 -4.30 -7.38 21.66
C SER A 105 -5.62 -7.35 22.39
N THR A 106 -6.59 -6.58 21.88
CA THR A 106 -7.91 -6.54 22.51
C THR A 106 -8.78 -7.72 22.09
N TYR A 107 -8.30 -8.51 21.13
CA TYR A 107 -8.97 -9.74 20.70
C TYR A 107 -8.04 -10.92 20.72
N PRO A 108 -7.54 -11.29 21.92
CA PRO A 108 -6.42 -12.26 21.97
C PRO A 108 -6.76 -13.67 21.50
N ASP A 109 -8.05 -13.99 21.42
CA ASP A 109 -8.47 -15.34 21.02
C ASP A 109 -8.92 -15.39 19.55
N ALA A 110 -8.83 -14.30 18.83
CA ALA A 110 -9.25 -14.30 17.42
C ALA A 110 -8.18 -15.08 16.62
N GLU A 111 -8.59 -15.84 15.61
CA GLU A 111 -7.62 -16.46 14.67
C GLU A 111 -7.11 -15.32 13.77
N ILE A 112 -5.80 -15.17 13.60
CA ILE A 112 -5.29 -14.08 12.77
C ILE A 112 -4.75 -14.73 11.50
N LYS A 113 -5.03 -14.15 10.32
CA LYS A 113 -4.36 -14.53 9.06
C LYS A 113 -3.88 -13.28 8.34
N THR A 114 -2.74 -13.36 7.66
CA THR A 114 -2.25 -12.19 6.95
C THR A 114 -2.27 -12.37 5.42
N PHE A 115 -2.17 -11.25 4.69
CA PHE A 115 -1.99 -11.26 3.21
C PHE A 115 -0.89 -10.29 2.85
N ASP A 116 -0.35 -10.42 1.65
CA ASP A 116 0.62 -9.46 1.20
C ASP A 116 0.23 -8.01 1.40
N ASP A 117 1.16 -7.23 1.96
CA ASP A 117 1.05 -5.80 1.91
C ASP A 117 1.09 -5.32 0.47
N GLY A 118 2.00 -5.92 -0.30
CA GLY A 118 2.19 -5.65 -1.71
C GLY A 118 3.53 -6.24 -2.15
N THR A 119 4.19 -5.60 -3.12
CA THR A 119 5.49 -6.04 -3.60
C THR A 119 6.58 -5.92 -2.54
N ILE A 120 6.32 -5.20 -1.44
CA ILE A 120 7.29 -5.14 -0.36
C ILE A 120 7.59 -6.53 0.17
N ASN A 121 6.61 -7.43 0.09
CA ASN A 121 6.76 -8.77 0.63
C ASN A 121 7.79 -9.62 -0.11
N LEU A 122 8.25 -9.13 -1.26
CA LEU A 122 9.11 -9.93 -2.15
C LEU A 122 10.60 -9.67 -1.94
N ILE A 123 10.93 -8.63 -1.18
CA ILE A 123 12.32 -8.41 -0.81
C ILE A 123 12.69 -9.42 0.27
N GLN A 124 13.64 -10.31 -0.01
CA GLN A 124 14.07 -11.30 1.00
C GLN A 124 14.87 -10.69 2.12
N SER A 125 14.89 -11.35 3.27
CA SER A 125 15.72 -10.92 4.42
C SER A 125 17.13 -10.59 4.04
N SER A 126 17.78 -11.50 3.30
CA SER A 126 19.21 -11.36 3.03
C SER A 126 19.43 -10.12 2.17
N SER A 127 18.39 -9.73 1.42
CA SER A 127 18.50 -8.55 0.53
C SER A 127 18.54 -7.27 1.31
N TYR A 128 17.84 -7.20 2.43
CA TYR A 128 17.91 -6.04 3.34
C TYR A 128 19.33 -5.89 3.92
N LEU A 129 20.00 -7.02 4.11
CA LEU A 129 21.42 -7.05 4.49
C LEU A 129 22.36 -6.79 3.34
N GLY A 130 21.86 -6.56 2.12
CA GLY A 130 22.70 -6.21 0.94
C GLY A 130 23.53 -4.93 1.11
N ASP A 131 24.61 -4.78 0.33
CA ASP A 131 25.55 -3.64 0.51
C ASP A 131 24.93 -2.30 0.20
N GLU A 132 24.01 -2.30 -0.76
CA GLU A 132 23.10 -1.18 -1.00
C GLU A 132 22.48 -0.55 0.29
N PHE A 133 22.09 -1.40 1.23
CA PHE A 133 21.35 -1.04 2.43
C PHE A 133 22.17 -1.15 3.72
N SER A 134 23.49 -1.15 3.57
CA SER A 134 24.31 -1.43 4.74
C SER A 134 25.22 -0.26 5.08
N VAL A 135 25.05 0.89 4.40
CA VAL A 135 25.82 2.05 4.85
C VAL A 135 25.13 2.83 5.96
N ASN A 136 25.68 2.71 7.16
CA ASN A 136 25.18 3.40 8.33
C ASN A 136 24.90 4.86 8.08
N GLY A 137 23.76 5.33 8.58
CA GLY A 137 23.37 6.72 8.51
C GLY A 137 22.71 7.17 7.21
N THR A 138 22.69 6.30 6.19
CA THR A 138 22.05 6.64 4.91
C THR A 138 20.53 6.38 4.94
N ILE A 139 19.86 6.98 3.98
CA ILE A 139 18.42 6.82 3.79
C ILE A 139 18.03 5.37 3.49
N LYS A 140 18.79 4.69 2.61
CA LYS A 140 18.56 3.26 2.34
C LYS A 140 18.74 2.34 3.55
N ARG A 141 19.75 2.60 4.36
CA ARG A 141 19.94 1.81 5.59
C ARG A 141 18.83 2.04 6.62
N ASN A 142 18.38 3.26 6.77
CA ASN A 142 17.21 3.50 7.63
C ASN A 142 15.95 2.75 7.13
N PHE A 143 15.75 2.72 5.82
CA PHE A 143 14.68 1.92 5.28
C PHE A 143 14.81 0.42 5.64
N ALA A 144 15.96 -0.17 5.35
CA ALA A 144 16.21 -1.57 5.67
C ALA A 144 16.08 -1.83 7.14
N ARG A 145 16.61 -0.95 7.99
CA ARG A 145 16.54 -1.19 9.46
C ARG A 145 15.05 -1.14 9.93
N MET A 146 14.30 -0.24 9.34
CA MET A 146 12.90 -0.14 9.64
C MET A 146 12.13 -1.39 9.17
N MET A 147 12.33 -1.82 7.91
CA MET A 147 11.69 -3.06 7.45
C MET A 147 12.03 -4.27 8.30
N ILE A 148 13.32 -4.44 8.60
CA ILE A 148 13.80 -5.63 9.35
C ILE A 148 13.11 -5.61 10.69
N GLY A 149 13.03 -4.45 11.34
CA GLY A 149 12.38 -4.42 12.66
C GLY A 149 10.89 -4.76 12.55
N ASP A 150 10.23 -4.25 11.51
CA ASP A 150 8.78 -4.49 11.39
C ASP A 150 8.46 -5.89 10.98
N TRP A 151 9.19 -6.44 10.02
CA TRP A 151 8.95 -7.87 9.68
C TRP A 151 9.16 -8.76 10.91
N SER A 152 10.13 -8.44 11.71
CA SER A 152 10.37 -9.25 12.89
C SER A 152 9.15 -9.23 13.81
N ILE A 153 8.63 -8.04 14.08
CA ILE A 153 7.41 -7.92 14.86
C ILE A 153 6.27 -8.68 14.16
N ALA A 154 6.04 -8.41 12.86
CA ALA A 154 4.91 -9.08 12.18
C ALA A 154 4.98 -10.60 12.26
N LYS A 155 6.19 -11.16 12.19
CA LYS A 155 6.39 -12.61 12.14
C LYS A 155 6.30 -13.35 13.48
N THR A 156 6.66 -12.67 14.58
CA THR A 156 6.80 -13.30 15.89
C THR A 156 5.83 -12.81 17.00
N ARG A 157 5.13 -11.72 16.79
CA ARG A 157 4.17 -11.25 17.80
C ARG A 157 2.75 -11.61 17.36
N ASN A 158 1.80 -11.56 18.28
CA ASN A 158 0.44 -11.96 17.88
C ASN A 158 0.41 -13.11 16.84
N ALA A 159 0.77 -14.32 17.23
CA ALA A 159 0.82 -15.49 16.33
C ALA A 159 -0.30 -15.54 15.26
N SER A 160 0.09 -15.74 14.00
CA SER A 160 -0.85 -15.97 12.89
C SER A 160 -0.40 -17.19 12.07
N ASP A 161 -1.35 -18.03 11.67
CA ASP A 161 -1.00 -19.38 11.27
C ASP A 161 -0.90 -19.47 9.74
N GLU A 162 -1.21 -18.38 9.03
CA GLU A 162 -1.31 -18.42 7.54
C GLU A 162 -1.14 -17.06 6.86
N HIS A 163 -0.45 -17.10 5.72
CA HIS A 163 -0.21 -15.94 4.92
C HIS A 163 -0.67 -16.19 3.49
N TYR A 164 -1.57 -15.33 3.01
CA TYR A 164 -1.97 -15.34 1.61
C TYR A 164 -1.04 -14.40 0.83
N THR A 165 -0.45 -14.97 -0.20
CA THR A 165 0.32 -14.19 -1.13
C THR A 165 -0.35 -14.13 -2.50
N ILE A 166 -0.18 -13.02 -3.23
CA ILE A 166 -0.68 -12.95 -4.64
C ILE A 166 0.44 -13.19 -5.71
N PHE A 167 1.62 -13.64 -5.26
CA PHE A 167 2.78 -13.80 -6.11
C PHE A 167 3.23 -15.26 -6.04
N LYS A 168 2.80 -16.02 -7.02
CA LYS A 168 3.17 -17.43 -7.14
C LYS A 168 4.66 -17.52 -7.34
N GLY A 169 5.29 -18.36 -6.54
CA GLY A 169 6.66 -18.78 -6.80
C GLY A 169 7.75 -17.72 -6.77
N LEU A 170 7.52 -16.61 -6.06
CA LEU A 170 8.63 -15.76 -5.59
C LEU A 170 8.67 -15.93 -4.07
N LYS A 171 9.85 -16.16 -3.51
CA LYS A 171 10.02 -16.25 -2.06
C LYS A 171 9.40 -15.04 -1.33
N ASN A 172 8.59 -15.31 -0.32
CA ASN A 172 7.96 -14.24 0.47
C ASN A 172 8.74 -14.01 1.76
N ILE A 173 8.85 -12.75 2.18
CA ILE A 173 9.43 -12.39 3.48
C ILE A 173 8.69 -13.10 4.62
N MET A 174 7.39 -13.38 4.46
CA MET A 174 6.61 -14.04 5.55
C MET A 174 6.78 -15.57 5.67
N ASP A 175 7.39 -16.18 4.66
CA ASP A 175 7.60 -17.61 4.68
C ASP A 175 8.79 -17.95 5.61
N ASP A 176 8.53 -18.14 6.90
CA ASP A 176 9.60 -18.33 7.89
C ASP A 176 9.45 -19.68 8.60
N GLY A 177 8.64 -20.57 8.01
CA GLY A 177 8.22 -21.80 8.66
C GLY A 177 7.41 -21.63 9.94
N ARG A 178 6.80 -20.48 10.21
CA ARG A 178 5.92 -20.44 11.38
C ARG A 178 4.47 -20.27 10.94
N ARG A 179 4.22 -20.43 9.64
CA ARG A 179 2.90 -20.25 9.11
C ARG A 179 2.78 -21.00 7.79
N LYS A 180 1.56 -21.37 7.42
CA LYS A 180 1.27 -21.88 6.07
C LYS A 180 1.32 -20.71 5.08
N MET A 181 1.97 -20.96 3.96
CA MET A 181 1.99 -20.07 2.84
C MET A 181 0.90 -20.54 1.88
N THR A 182 0.00 -19.62 1.52
CA THR A 182 -1.09 -19.93 0.60
C THR A 182 -1.17 -18.95 -0.55
N TYR A 183 -1.01 -19.48 -1.77
CA TYR A 183 -1.19 -18.72 -2.98
C TYR A 183 -2.65 -18.31 -3.14
N LEU A 184 -2.91 -17.04 -3.39
CA LEU A 184 -4.31 -16.61 -3.56
C LEU A 184 -4.30 -15.76 -4.81
N PRO A 185 -4.60 -16.40 -5.93
CA PRO A 185 -4.59 -15.60 -7.17
C PRO A 185 -5.70 -14.56 -7.18
N LEU A 186 -5.51 -13.54 -7.99
CA LEU A 186 -6.50 -12.48 -8.17
C LEU A 186 -7.70 -12.90 -9.08
N PHE A 187 -7.56 -14.03 -9.76
CA PHE A 187 -8.55 -14.51 -10.75
C PHE A 187 -8.61 -16.03 -10.74
N ASP A 188 -9.63 -16.61 -11.35
CA ASP A 188 -9.67 -18.05 -11.59
C ASP A 188 -9.52 -18.22 -13.05
N ALA A 189 -8.57 -19.07 -13.47
CA ALA A 189 -8.36 -19.32 -14.90
C ALA A 189 -9.61 -19.98 -15.48
N SER A 190 -10.35 -20.69 -14.63
CA SER A 190 -11.58 -21.39 -15.01
C SER A 190 -12.65 -20.42 -15.51
N GLU A 191 -12.71 -19.25 -14.90
CA GLU A 191 -13.73 -18.25 -15.25
C GLU A 191 -13.29 -17.29 -16.35
N LEU A 192 -11.99 -17.19 -16.54
CA LEU A 192 -11.40 -16.30 -17.53
C LEU A 192 -11.47 -16.89 -18.96
N LYS A 193 -11.13 -18.17 -19.09
CA LYS A 193 -11.26 -18.89 -20.37
C LYS A 193 -10.39 -18.39 -21.52
N ALA A 194 -9.17 -17.97 -21.23
CA ALA A 194 -8.27 -17.47 -22.26
C ALA A 194 -7.81 -18.64 -23.14
N GLY A 195 -7.68 -18.39 -24.44
CA GLY A 195 -7.20 -19.42 -25.35
C GLY A 195 -5.95 -18.92 -26.03
N ASP A 196 -5.60 -19.60 -27.13
CA ASP A 196 -4.41 -19.27 -27.90
C ASP A 196 -4.48 -17.84 -28.40
N GLU A 197 -3.32 -17.19 -28.43
CA GLU A 197 -3.21 -15.82 -28.85
C GLU A 197 -3.27 -15.72 -30.38
N THR A 198 -4.40 -16.12 -30.95
CA THR A 198 -4.52 -16.12 -32.42
C THR A 198 -4.98 -14.78 -32.98
N GLY A 199 -5.50 -13.90 -32.12
CA GLY A 199 -5.99 -12.59 -32.55
C GLY A 199 -4.86 -11.58 -32.57
N GLY A 200 -5.20 -10.34 -32.26
CA GLY A 200 -4.21 -9.27 -32.41
C GLY A 200 -3.45 -8.94 -31.14
N THR A 201 -2.63 -7.90 -31.24
CA THR A 201 -1.79 -7.44 -30.14
C THR A 201 -2.23 -6.07 -29.62
N VAL A 202 -2.42 -5.94 -28.29
CA VAL A 202 -2.73 -4.62 -27.71
C VAL A 202 -1.57 -4.15 -26.82
N ARG A 203 -1.00 -2.97 -27.08
CA ARG A 203 0.11 -2.43 -26.31
C ARG A 203 -0.32 -1.30 -25.38
N ILE A 204 -0.05 -1.47 -24.09
CA ILE A 204 -0.37 -0.47 -23.08
C ILE A 204 0.80 -0.07 -22.21
N LEU A 205 1.07 1.24 -22.18
CA LEU A 205 1.96 1.80 -21.24
C LEU A 205 1.29 2.08 -19.92
N LEU A 206 1.90 1.63 -18.80
CA LEU A 206 1.38 1.94 -17.45
C LEU A 206 1.85 3.32 -17.09
N GLY A 207 0.90 4.26 -16.93
CA GLY A 207 1.29 5.66 -16.63
C GLY A 207 1.96 5.77 -15.25
N SER A 208 2.74 6.84 -15.05
CA SER A 208 3.39 7.12 -13.76
C SER A 208 2.71 8.34 -13.08
N PRO A 209 2.48 8.27 -11.76
CA PRO A 209 1.94 9.43 -11.04
C PRO A 209 2.98 10.55 -10.87
N ASP A 210 4.25 10.30 -11.18
CA ASP A 210 5.27 11.36 -11.12
C ASP A 210 5.27 12.16 -12.41
N LYS A 211 4.99 13.45 -12.29
CA LYS A 211 4.92 14.37 -13.43
C LYS A 211 6.27 14.63 -14.09
N GLU A 212 7.38 14.39 -13.39
CA GLU A 212 8.68 14.50 -14.06
C GLU A 212 8.80 13.40 -15.11
N MET A 213 7.94 12.38 -15.03
CA MET A 213 7.98 11.24 -15.97
C MET A 213 7.20 11.46 -17.26
N LYS A 214 6.66 12.66 -17.41
CA LYS A 214 5.78 12.96 -18.53
C LYS A 214 6.45 12.77 -19.91
N GLU A 215 7.52 13.51 -20.15
CA GLU A 215 8.25 13.51 -21.44
C GLU A 215 8.81 12.09 -21.73
N ILE A 216 9.46 11.50 -20.72
CA ILE A 216 9.97 10.14 -20.82
C ILE A 216 8.87 9.15 -21.19
N SER A 217 7.67 9.33 -20.65
CA SER A 217 6.56 8.45 -20.91
C SER A 217 6.15 8.61 -22.36
N GLU A 218 6.11 9.86 -22.81
CA GLU A 218 5.62 10.21 -24.13
C GLU A 218 6.62 9.71 -25.14
N LYS A 219 7.90 9.79 -24.80
CA LYS A 219 8.94 9.26 -25.69
C LYS A 219 8.95 7.74 -25.75
N ALA A 220 8.72 7.08 -24.63
CA ALA A 220 8.55 5.64 -24.64
C ALA A 220 7.41 5.20 -25.58
N ALA A 221 6.27 5.91 -25.48
CA ALA A 221 5.08 5.57 -26.28
C ALA A 221 5.44 5.61 -27.77
N LYS A 222 6.17 6.64 -28.20
CA LYS A 222 6.60 6.71 -29.61
C LYS A 222 7.63 5.63 -29.94
N ASN A 223 8.75 5.62 -29.22
CA ASN A 223 9.84 4.65 -29.46
C ASN A 223 9.34 3.22 -29.57
N PHE A 224 8.39 2.84 -28.74
CA PHE A 224 7.99 1.45 -28.69
C PHE A 224 6.68 1.16 -29.42
N ASN A 225 6.10 2.18 -30.08
CA ASN A 225 4.89 2.00 -30.90
C ASN A 225 3.79 1.50 -30.00
N ILE A 226 3.52 2.25 -28.93
CA ILE A 226 2.52 1.84 -27.92
C ILE A 226 1.27 2.66 -28.18
N GLN A 227 0.15 2.01 -28.44
CA GLN A 227 -1.12 2.67 -28.70
C GLN A 227 -1.70 3.41 -27.47
N TYR A 228 -1.66 2.77 -26.29
CA TYR A 228 -2.40 3.28 -25.12
C TYR A 228 -1.59 3.56 -23.89
N VAL A 229 -2.10 4.50 -23.09
CA VAL A 229 -1.64 4.70 -21.71
C VAL A 229 -2.77 4.39 -20.72
N ALA A 230 -2.44 3.71 -19.63
CA ALA A 230 -3.36 3.45 -18.57
C ALA A 230 -2.82 4.30 -17.42
N PRO A 231 -3.51 5.41 -17.13
CA PRO A 231 -2.91 6.29 -16.09
C PRO A 231 -2.97 5.64 -14.74
N HIS A 232 -2.00 5.99 -13.93
CA HIS A 232 -1.90 5.57 -12.53
C HIS A 232 -3.03 6.23 -11.72
N PRO A 233 -3.62 5.50 -10.76
CA PRO A 233 -4.71 6.08 -9.94
C PRO A 233 -4.40 7.48 -9.35
N ARG A 234 -3.13 7.82 -9.13
CA ARG A 234 -2.81 9.16 -8.62
C ARG A 234 -2.25 10.08 -9.64
N GLN A 235 -2.36 9.72 -10.91
CA GLN A 235 -1.77 10.53 -11.97
C GLN A 235 -2.73 11.66 -12.33
N THR A 236 -2.16 12.83 -12.57
CA THR A 236 -2.84 14.09 -12.46
C THR A 236 -2.51 14.94 -13.67
N TYR A 237 -1.65 14.39 -14.54
CA TYR A 237 -1.32 15.08 -15.78
C TYR A 237 -1.71 14.16 -16.93
N GLY A 238 -1.73 14.75 -18.12
CA GLY A 238 -2.24 14.08 -19.29
C GLY A 238 -1.02 13.79 -20.10
N LEU A 239 -1.10 12.75 -20.90
CA LEU A 239 -0.01 12.43 -21.79
C LEU A 239 -0.54 12.72 -23.19
N SER A 240 0.27 13.41 -23.99
CA SER A 240 -0.07 13.65 -25.38
C SER A 240 0.58 12.62 -26.32
N GLY A 241 -0.07 12.40 -27.46
CA GLY A 241 0.45 11.53 -28.50
C GLY A 241 0.12 10.08 -28.30
N VAL A 242 -0.77 9.81 -27.35
CA VAL A 242 -1.16 8.47 -27.00
C VAL A 242 -2.64 8.51 -26.59
N THR A 243 -3.38 7.43 -26.83
CA THR A 243 -4.74 7.30 -26.38
C THR A 243 -4.81 6.93 -24.87
N THR A 244 -5.36 7.82 -24.04
CA THR A 244 -5.43 7.52 -22.62
C THR A 244 -6.71 6.67 -22.41
N LEU A 245 -6.61 5.54 -21.72
CA LEU A 245 -7.75 4.76 -21.29
C LEU A 245 -8.43 5.42 -20.07
N ASN A 246 -9.67 5.87 -20.25
CA ASN A 246 -10.49 6.39 -19.14
C ASN A 246 -11.36 5.22 -18.66
N SER A 247 -10.99 4.57 -17.56
CA SER A 247 -11.69 3.36 -17.09
C SER A 247 -11.82 3.59 -15.62
N PRO A 248 -12.81 2.95 -14.97
CA PRO A 248 -12.82 3.14 -13.49
C PRO A 248 -11.94 2.12 -12.73
N TYR A 249 -11.44 1.12 -13.44
CA TYR A 249 -10.75 -0.03 -12.81
C TYR A 249 -9.24 0.23 -12.69
N VAL A 250 -8.55 -0.40 -11.74
CA VAL A 250 -7.05 -0.37 -11.77
C VAL A 250 -6.60 -1.34 -12.88
N ILE A 251 -5.34 -1.27 -13.35
CA ILE A 251 -4.91 -2.13 -14.48
C ILE A 251 -5.23 -3.64 -14.39
N GLU A 252 -5.10 -4.22 -13.19
CA GLU A 252 -5.26 -5.67 -13.11
C GLU A 252 -6.71 -6.04 -13.37
N ASP A 253 -7.63 -5.20 -12.91
CA ASP A 253 -9.06 -5.44 -13.05
C ASP A 253 -9.41 -5.20 -14.54
N TYR A 254 -9.00 -4.06 -15.06
CA TYR A 254 -9.20 -3.73 -16.46
C TYR A 254 -8.76 -4.89 -17.40
N ILE A 255 -7.54 -5.39 -17.19
CA ILE A 255 -6.92 -6.40 -18.08
C ILE A 255 -7.65 -7.75 -17.94
N LEU A 256 -8.02 -8.12 -16.72
CA LEU A 256 -8.76 -9.38 -16.51
C LEU A 256 -10.11 -9.34 -17.24
N ARG A 257 -10.78 -8.19 -17.14
CA ARG A 257 -12.02 -7.98 -17.90
C ARG A 257 -11.80 -8.08 -19.38
N GLU A 258 -10.79 -7.39 -19.92
CA GLU A 258 -10.52 -7.40 -21.37
C GLU A 258 -10.14 -8.79 -21.88
N ILE A 259 -9.40 -9.54 -21.07
CA ILE A 259 -9.03 -10.91 -21.44
C ILE A 259 -10.28 -11.81 -21.57
N LYS A 260 -11.16 -11.78 -20.59
CA LYS A 260 -12.44 -12.49 -20.66
C LYS A 260 -13.24 -12.16 -21.93
N LYS A 261 -13.30 -10.88 -22.31
CA LYS A 261 -13.99 -10.45 -23.54
C LYS A 261 -13.19 -10.74 -24.80
N ASN A 262 -11.89 -10.89 -24.67
CA ASN A 262 -11.05 -11.07 -25.83
C ASN A 262 -10.03 -12.15 -25.55
N PRO A 263 -10.52 -13.40 -25.36
CA PRO A 263 -9.62 -14.51 -24.95
C PRO A 263 -8.53 -14.90 -25.94
N HIS A 264 -8.49 -14.30 -27.14
CA HIS A 264 -7.43 -14.65 -28.12
C HIS A 264 -6.48 -13.51 -28.42
N THR A 265 -6.66 -12.41 -27.68
CA THR A 265 -5.83 -11.20 -27.87
C THR A 265 -4.55 -11.25 -27.05
N ARG A 266 -3.46 -10.78 -27.66
CA ARG A 266 -2.18 -10.62 -26.97
C ARG A 266 -2.09 -9.24 -26.33
N TYR A 267 -2.09 -9.18 -24.99
CA TYR A 267 -1.82 -7.92 -24.26
C TYR A 267 -0.35 -7.78 -23.86
N GLU A 268 0.25 -6.68 -24.32
CA GLU A 268 1.60 -6.27 -23.97
C GLU A 268 1.54 -5.09 -23.04
N ILE A 269 2.07 -5.28 -21.84
CA ILE A 269 2.11 -4.24 -20.82
C ILE A 269 3.52 -3.68 -20.66
N TYR A 270 3.70 -2.40 -20.94
CA TYR A 270 5.01 -1.77 -20.76
C TYR A 270 5.04 -0.87 -19.56
N THR A 271 6.11 -0.97 -18.77
CA THR A 271 6.12 -0.16 -17.54
C THR A 271 7.47 0.30 -17.02
N PHE A 272 7.50 1.44 -16.32
CA PHE A 272 8.70 1.87 -15.60
C PHE A 272 8.76 1.14 -14.24
N PHE A 273 8.77 -0.19 -14.31
CA PHE A 273 8.88 -1.04 -13.11
C PHE A 273 7.70 -0.92 -12.09
N SER A 274 6.47 -0.69 -12.57
CA SER A 274 5.31 -0.69 -11.66
C SER A 274 5.19 -2.07 -11.02
N GLY A 275 4.64 -2.15 -9.80
CA GLY A 275 4.45 -3.45 -9.18
C GLY A 275 3.40 -4.27 -9.91
N ALA A 276 2.58 -3.59 -10.71
CA ALA A 276 1.59 -4.24 -11.51
C ALA A 276 2.25 -5.25 -12.47
N ALA A 277 3.51 -5.03 -12.85
CA ALA A 277 4.25 -6.04 -13.64
C ALA A 277 4.37 -7.38 -12.90
N LEU A 278 4.61 -7.32 -11.59
CA LEU A 278 4.79 -8.53 -10.78
C LEU A 278 3.43 -9.15 -10.42
N THR A 279 2.44 -8.28 -10.31
CA THR A 279 1.10 -8.68 -9.93
C THR A 279 0.42 -9.41 -11.12
N MET A 280 0.81 -9.04 -12.34
CA MET A 280 0.17 -9.55 -13.57
C MET A 280 1.06 -10.57 -14.34
N LYS A 281 2.29 -10.76 -13.86
CA LYS A 281 3.27 -11.79 -14.24
C LYS A 281 2.67 -13.10 -14.77
N ASP A 282 1.61 -13.59 -14.11
CA ASP A 282 1.01 -14.92 -14.40
C ASP A 282 -0.42 -14.83 -14.96
N PHE A 283 -0.83 -13.65 -15.40
CA PHE A 283 -2.09 -13.53 -16.13
C PHE A 283 -1.88 -14.10 -17.52
N PRO A 284 -2.84 -14.91 -18.01
CA PRO A 284 -2.78 -15.50 -19.33
C PRO A 284 -2.89 -14.44 -20.42
N ASN A 285 -2.18 -14.67 -21.51
CA ASN A 285 -2.08 -13.76 -22.63
C ASN A 285 -1.52 -12.37 -22.29
N VAL A 286 -0.86 -12.25 -21.13
CA VAL A 286 -0.24 -10.99 -20.75
C VAL A 286 1.25 -11.16 -20.80
N HIS A 287 1.91 -10.14 -21.37
CA HIS A 287 3.33 -10.11 -21.60
C HIS A 287 3.81 -8.75 -21.13
N VAL A 288 4.62 -8.73 -20.06
CA VAL A 288 5.10 -7.51 -19.42
C VAL A 288 6.51 -7.16 -19.85
N TYR A 289 6.76 -5.89 -20.10
CA TYR A 289 8.09 -5.40 -20.40
C TYR A 289 8.39 -4.27 -19.46
N ALA A 290 9.59 -4.26 -18.92
CA ALA A 290 10.07 -3.13 -18.15
C ALA A 290 10.81 -2.18 -19.06
N LEU A 291 10.67 -0.88 -18.81
CA LEU A 291 11.31 0.14 -19.59
C LEU A 291 12.33 0.88 -18.76
N LYS A 292 13.54 1.03 -19.31
CA LYS A 292 14.60 1.74 -18.63
C LYS A 292 15.20 2.88 -19.45
N PRO A 293 14.80 4.12 -19.14
CA PRO A 293 15.23 5.35 -19.82
C PRO A 293 16.70 5.56 -19.53
N ALA A 294 17.53 5.71 -20.57
CA ALA A 294 18.97 6.01 -20.36
C ALA A 294 19.25 7.24 -19.45
N SER A 295 18.35 8.21 -19.44
CA SER A 295 18.63 9.45 -18.72
C SER A 295 18.48 9.31 -17.19
N LEU A 296 17.90 8.20 -16.72
CA LEU A 296 17.81 8.00 -15.28
C LEU A 296 19.04 7.25 -14.74
N PRO A 297 19.44 7.53 -13.49
CA PRO A 297 20.63 6.80 -12.99
C PRO A 297 20.37 5.29 -12.85
N GLU A 298 21.43 4.49 -12.98
CA GLU A 298 21.30 3.01 -12.88
C GLU A 298 20.62 2.61 -11.56
N ASP A 299 20.84 3.40 -10.53
CA ASP A 299 20.29 3.13 -9.19
C ASP A 299 18.98 3.92 -8.88
N TYR A 300 18.28 4.32 -9.94
CA TYR A 300 16.97 4.97 -9.78
C TYR A 300 16.01 4.07 -8.98
N TRP A 301 15.97 2.81 -9.38
CA TRP A 301 15.31 1.74 -8.67
C TRP A 301 16.34 0.98 -7.81
N LEU A 302 15.89 0.38 -6.74
CA LEU A 302 16.73 -0.45 -5.89
C LEU A 302 17.07 -1.76 -6.60
N LYS A 303 18.21 -2.34 -6.23
CA LYS A 303 18.69 -3.55 -6.96
C LYS A 303 17.73 -4.75 -6.90
N PRO A 304 17.00 -4.93 -5.80
CA PRO A 304 16.04 -6.05 -5.74
C PRO A 304 14.92 -5.92 -6.76
N VAL A 305 14.64 -4.72 -7.22
CA VAL A 305 13.59 -4.55 -8.25
C VAL A 305 14.06 -5.22 -9.52
N TYR A 306 15.23 -4.85 -10.01
CA TYR A 306 15.82 -5.51 -11.20
C TYR A 306 15.85 -7.03 -11.02
N ALA A 307 16.25 -7.49 -9.83
CA ALA A 307 16.39 -8.92 -9.61
C ALA A 307 15.01 -9.61 -9.65
N LEU A 308 13.97 -9.01 -9.06
CA LEU A 308 12.60 -9.63 -9.14
C LEU A 308 12.04 -9.68 -10.54
N PHE A 309 12.26 -8.60 -11.28
CA PHE A 309 11.79 -8.50 -12.64
C PHE A 309 12.49 -9.60 -13.47
N THR A 310 13.81 -9.65 -13.36
CA THR A 310 14.65 -10.69 -14.02
C THR A 310 14.33 -12.11 -13.61
N GLN A 311 14.25 -12.39 -12.30
CA GLN A 311 13.74 -13.70 -11.83
C GLN A 311 12.37 -14.07 -12.45
N SER A 312 11.46 -13.09 -12.53
CA SER A 312 10.12 -13.30 -13.08
C SER A 312 10.05 -13.42 -14.59
N GLY A 313 11.18 -13.39 -15.28
CA GLY A 313 11.16 -13.53 -16.74
C GLY A 313 10.68 -12.25 -17.42
N ILE A 314 10.89 -11.09 -16.80
CA ILE A 314 10.41 -9.83 -17.42
C ILE A 314 11.51 -9.07 -18.11
N PRO A 315 11.46 -8.98 -19.45
CA PRO A 315 12.55 -8.24 -20.14
C PRO A 315 12.64 -6.79 -19.74
N ILE A 316 13.87 -6.29 -19.69
CA ILE A 316 14.09 -4.91 -19.37
C ILE A 316 14.55 -4.27 -20.68
N LEU A 317 13.81 -3.29 -21.17
CA LEU A 317 14.13 -2.68 -22.46
C LEU A 317 14.71 -1.28 -22.22
N THR A 318 15.97 -1.12 -22.58
CA THR A 318 16.62 0.19 -22.40
C THR A 318 16.42 1.04 -23.67
N PHE A 319 16.33 2.34 -23.48
CA PHE A 319 16.14 3.22 -24.62
C PHE A 319 16.67 4.61 -24.29
N ASP A 320 17.22 5.26 -25.31
CA ASP A 320 17.85 6.54 -25.11
C ASP A 320 16.78 7.56 -25.27
N ASP A 321 16.26 8.02 -24.14
CA ASP A 321 15.14 8.92 -24.16
C ASP A 321 15.61 10.31 -24.57
N LYS A 322 16.93 10.44 -24.79
CA LYS A 322 17.62 11.70 -25.15
C LYS A 322 17.70 12.65 -23.96
C5A CSF B . 1.20 3.45 -4.13
C4A CSF B . 0.32 4.05 -5.19
C2A CSF B . 2.47 3.14 -6.44
O6A CSF B . 2.59 2.26 -5.29
C6A CSF B . 1.27 2.04 -4.68
C3A CSF B . 1.42 4.36 -6.20
O4A CSF B . -0.42 5.21 -4.74
N5A CSF B . 0.84 3.69 -2.71
C7A CSF B . 0.88 0.79 -3.91
C8A CSF B . -0.37 0.30 -4.60
C9A CSF B . -1.10 -0.85 -3.88
O9A CSF B . -0.56 -2.15 -4.19
O8A CSF B . -1.22 1.46 -4.77
O7A CSF B . 1.87 -0.20 -4.07
C1A CSF B . 3.80 3.58 -6.73
OBA CSF B . 4.73 2.77 -6.48
OAA CSF B . 3.85 4.54 -7.47
O1A CSF B . 2.08 2.45 -7.75
O2A CSF B . 2.99 1.69 -10.16
N1 CSF B . -1.77 0.88 -11.22
C2 CSF B . -2.69 1.08 -12.28
N3 CSF B . -2.20 1.72 -13.43
C4 CSF B . -0.89 2.21 -13.53
C5 CSF B . 0.03 2.02 -12.48
C6 CSF B . -0.41 1.37 -11.32
C3' CSF B . -0.76 -1.52 -9.27
C2' CSF B . -2.09 -1.30 -9.99
C1' CSF B . -2.24 0.20 -9.97
O4' CSF B . -1.39 0.70 -8.88
C4' CSF B . -0.84 -0.45 -8.19
PA CSF B . 2.69 1.16 -8.66
O5' CSF B . 1.41 0.25 -8.84
C5' CSF B . 0.55 0.02 -7.72
O3' CSF B . -0.67 -2.88 -8.76
O2' CSF B . -3.21 -1.88 -9.25
N4 CSF B . -0.55 2.87 -14.62
O2 CSF B . -3.85 0.63 -12.22
O3A CSF B . 3.81 0.32 -8.07
C10 CSF B . 1.52 4.64 -2.02
O10 CSF B . 2.42 5.36 -2.51
C11 CSF B . 1.07 4.80 -0.55
F3A CSF B . 1.97 5.59 -5.84
OH2 1PE C . -7.72 0.85 18.82
C12 1PE C . -6.61 0.49 19.66
C22 1PE C . -7.23 -0.02 20.95
OH3 1PE C . -6.22 -0.34 21.87
C13 1PE C . -6.19 0.82 23.96
C23 1PE C . -6.66 -0.42 23.28
OH4 1PE C . -7.13 1.33 24.95
C14 1PE C . -7.87 3.59 24.74
C24 1PE C . -6.84 2.74 25.33
OH5 1PE C . -7.38 4.89 24.42
C15 1PE C . -7.38 6.14 22.29
C25 1PE C . -8.23 5.64 23.43
OH6 1PE C . -7.96 6.45 20.97
C16 1PE C . -6.94 5.79 18.92
C26 1PE C . -7.94 5.36 20.02
OH7 1PE C . -7.08 4.98 17.74
C1 EDO D . -9.27 15.24 31.60
O1 EDO D . -10.67 15.25 31.33
C2 EDO D . -8.56 15.91 30.45
O2 EDO D . -7.15 15.95 30.72
#